data_7X5Y
#
_entry.id   7X5Y
#
_cell.length_a   76.829
_cell.length_b   83.961
_cell.length_c   62.091
_cell.angle_alpha   90.00
_cell.angle_beta   100.43
_cell.angle_gamma   90.00
#
_symmetry.space_group_name_H-M   'C 1 2 1'
#
loop_
_entity.id
_entity.type
_entity.pdbx_description
1 polymer '4-hydroxyphenylpyruvate dioxygenase'
2 non-polymer 'COBALT (II) ION'
3 non-polymer (1R,3S)-5-methyl-2-[(1S)-2-naphthalen-1-yloxy-1-oxidanyl-ethyl]cyclohexane-1,3-diol
4 non-polymer (4S)-2-METHYL-2,4-PENTANEDIOL
5 water water
#
_entity_poly.entity_id   1
_entity_poly.type   'polypeptide(L)'
_entity_poly.pdbx_seq_one_letter_code
;GSHMVRKNPKSDKFKVKRFHHIEFWCGDATNVARRFSWGLGMRFSAKSDLSTGNMVHASYLLTSGDLRFLFTAPYSPSLS
AGEIKPTTTASIPSFDHGSCRSFFSSHGLGVRAVAIEVEDAESAFSISVANGAIPSSPPIVLNEAVTIAEVKLYGDVVLR
YVSYKAEDTEKSEFLPGFERVEDASSFPLDYGIRRLDHAVGNVPELGPALTYVAGFTGFHQFAEFTADDVGTAESGLNSA
VLASNDEMVLLPINEPVHGTKRKSQIQTYLEHNEGAGLQHLALMSEDIFRTLREMRKRSSIGGFDFMPSPPPTYYQNLKK
RVGDVLSDDQIKECEELGILVDRDDQGTLLQIFTKPLGDRPTIFIEIIQRVGCMMKDEEGKAYQSGGCGGFGKGNFSELF
KSIEEYEKTLEAKQLVG
;
_entity_poly.pdbx_strand_id   A
#
loop_
_chem_comp.id
_chem_comp.type
_chem_comp.name
_chem_comp.formula
CO non-polymer 'COBALT (II) ION' 'Co 2'
HZS non-polymer (1R,3S)-5-methyl-2-[(1S)-2-naphthalen-1-yloxy-1-oxidanyl-ethyl]cyclohexane-1,3-diol 'C19 H24 O4'
MPD non-polymer (4S)-2-METHYL-2,4-PENTANEDIOL 'C6 H14 O2'
#
# COMPACT_ATOMS: atom_id res chain seq x y z
N LYS A 7 0.14 -15.09 -19.78
CA LYS A 7 0.00 -16.41 -19.17
C LYS A 7 -0.17 -16.30 -17.65
N ASN A 8 -1.11 -17.10 -17.11
CA ASN A 8 -1.39 -17.12 -15.68
C ASN A 8 -1.51 -18.58 -15.27
N PRO A 9 -0.46 -19.16 -14.67
CA PRO A 9 -0.51 -20.57 -14.29
C PRO A 9 -1.42 -20.87 -13.10
N LYS A 10 -1.95 -19.87 -12.42
CA LYS A 10 -2.81 -20.04 -11.25
C LYS A 10 -2.19 -21.00 -10.23
N SER A 11 -0.98 -20.65 -9.80
CA SER A 11 -0.14 -21.53 -8.99
C SER A 11 -0.13 -21.17 -7.50
N ASP A 12 -1.08 -20.34 -7.04
CA ASP A 12 -1.17 -20.01 -5.61
C ASP A 12 -1.19 -21.28 -4.78
N LYS A 13 -0.31 -21.34 -3.77
CA LYS A 13 -0.22 -22.50 -2.91
C LYS A 13 -1.28 -22.54 -1.82
N PHE A 14 -2.07 -21.47 -1.68
CA PHE A 14 -3.20 -21.45 -0.76
C PHE A 14 -4.20 -20.42 -1.29
N LYS A 15 -5.43 -20.49 -0.80
CA LYS A 15 -6.48 -19.64 -1.34
C LYS A 15 -6.35 -18.23 -0.77
N VAL A 16 -6.12 -17.27 -1.65
CA VAL A 16 -5.97 -15.86 -1.29
C VAL A 16 -7.24 -15.15 -1.78
N LYS A 17 -7.77 -14.26 -0.95
CA LYS A 17 -8.94 -13.50 -1.36
C LYS A 17 -8.52 -12.11 -1.86
N ARG A 18 -8.43 -11.13 -0.97
CA ARG A 18 -8.11 -9.77 -1.39
C ARG A 18 -7.19 -9.15 -0.35
N PHE A 19 -6.57 -8.03 -0.73
CA PHE A 19 -5.92 -7.19 0.27
C PHE A 19 -6.91 -6.88 1.37
N HIS A 20 -6.45 -6.97 2.61
CA HIS A 20 -7.30 -6.74 3.77
C HIS A 20 -7.02 -5.41 4.46
N HIS A 21 -5.77 -5.16 4.85
CA HIS A 21 -5.41 -3.89 5.47
C HIS A 21 -3.92 -3.66 5.31
N ILE A 22 -3.52 -2.41 5.56
CA ILE A 22 -2.12 -2.01 5.63
C ILE A 22 -1.92 -1.47 7.03
N GLU A 23 -0.89 -1.93 7.73
CA GLU A 23 -0.57 -1.41 9.06
C GLU A 23 0.72 -0.58 9.02
N PHE A 24 0.60 0.66 9.48
CA PHE A 24 1.73 1.57 9.67
C PHE A 24 2.17 1.45 11.12
N TRP A 25 3.47 1.35 11.34
CA TRP A 25 4.02 1.49 12.68
C TRP A 25 4.51 2.92 12.85
N CYS A 26 4.11 3.53 13.97
CA CYS A 26 4.21 4.97 14.18
C CYS A 26 4.86 5.21 15.54
N GLY A 27 5.28 6.45 15.74
CA GLY A 27 5.63 6.90 17.07
C GLY A 27 4.40 7.35 17.84
N ASP A 28 3.53 8.10 17.17
CA ASP A 28 2.27 8.54 17.75
C ASP A 28 1.19 8.24 16.73
N ALA A 29 0.37 7.24 17.02
CA ALA A 29 -0.63 6.81 16.07
C ALA A 29 -1.74 7.85 15.90
N THR A 30 -2.05 8.59 16.96
CA THR A 30 -3.14 9.57 16.91
C THR A 30 -2.87 10.64 15.86
N ASN A 31 -1.67 11.22 15.88
CA ASN A 31 -1.39 12.32 14.97
C ASN A 31 -1.28 11.85 13.54
N VAL A 32 -0.66 10.68 13.31
CA VAL A 32 -0.58 10.18 11.95
C VAL A 32 -1.96 9.84 11.43
N ALA A 33 -2.76 9.11 12.22
CA ALA A 33 -4.09 8.76 11.78
C ALA A 33 -4.95 9.99 11.47
N ARG A 34 -4.87 11.02 12.32
CA ARG A 34 -5.68 12.22 12.08
C ARG A 34 -5.26 12.94 10.80
N ARG A 35 -3.94 13.04 10.58
CA ARG A 35 -3.44 13.64 9.35
C ARG A 35 -3.91 12.85 8.13
N PHE A 36 -3.74 11.52 8.16
CA PHE A 36 -4.15 10.69 7.02
C PHE A 36 -5.65 10.76 6.77
N SER A 37 -6.44 10.80 7.85
CA SER A 37 -7.89 10.86 7.70
C SER A 37 -8.30 12.09 6.91
N TRP A 38 -7.79 13.26 7.30
CA TRP A 38 -8.10 14.50 6.61
C TRP A 38 -7.50 14.53 5.21
N GLY A 39 -6.26 14.08 5.04
CA GLY A 39 -5.61 14.19 3.74
C GLY A 39 -6.18 13.26 2.68
N LEU A 40 -6.65 12.07 3.07
CA LEU A 40 -7.11 11.05 2.13
C LEU A 40 -8.62 10.87 2.13
N GLY A 41 -9.31 11.43 3.12
CA GLY A 41 -10.76 11.32 3.16
C GLY A 41 -11.17 9.95 3.64
N MET A 42 -10.54 9.50 4.71
CA MET A 42 -10.84 8.21 5.31
C MET A 42 -11.48 8.45 6.66
N ARG A 43 -12.47 7.65 7.02
CA ARG A 43 -13.16 7.84 8.27
CA ARG A 43 -13.16 7.84 8.28
C ARG A 43 -12.58 6.94 9.35
N PHE A 44 -12.61 7.43 10.58
CA PHE A 44 -12.23 6.64 11.74
C PHE A 44 -13.30 5.58 11.98
N SER A 45 -12.90 4.32 11.92
CA SER A 45 -13.83 3.20 11.93
C SER A 45 -13.71 2.30 13.14
N ALA A 46 -12.51 2.13 13.70
CA ALA A 46 -12.33 1.22 14.83
C ALA A 46 -11.11 1.65 15.62
N LYS A 47 -11.06 1.24 16.89
CA LYS A 47 -9.93 1.58 17.74
C LYS A 47 -9.64 0.45 18.72
N SER A 48 -8.38 0.36 19.12
CA SER A 48 -7.97 -0.52 20.21
C SER A 48 -6.90 0.26 20.97
N ASP A 49 -7.19 0.65 22.20
CA ASP A 49 -6.31 1.57 22.92
C ASP A 49 -6.65 1.47 24.41
N LEU A 50 -6.14 2.42 25.20
CA LEU A 50 -6.40 2.40 26.64
C LEU A 50 -7.89 2.36 26.93
N SER A 51 -8.67 3.09 26.14
CA SER A 51 -10.11 3.16 26.37
C SER A 51 -10.81 1.83 26.12
N THR A 52 -10.20 0.92 25.38
CA THR A 52 -10.78 -0.40 25.14
C THR A 52 -10.08 -1.49 25.96
N GLY A 53 -9.22 -1.11 26.90
CA GLY A 53 -8.56 -2.06 27.76
C GLY A 53 -7.19 -2.51 27.28
N ASN A 54 -6.68 -1.95 26.20
CA ASN A 54 -5.40 -2.36 25.63
C ASN A 54 -4.31 -1.51 26.28
N MET A 55 -3.49 -2.13 27.13
CA MET A 55 -2.42 -1.44 27.82
C MET A 55 -1.10 -1.52 27.07
N VAL A 56 -1.10 -2.12 25.89
CA VAL A 56 0.13 -2.42 25.17
C VAL A 56 0.36 -1.47 24.02
N HIS A 57 -0.63 -1.31 23.13
CA HIS A 57 -0.49 -0.49 21.94
C HIS A 57 -1.76 0.28 21.67
N ALA A 58 -1.59 1.42 20.99
CA ALA A 58 -2.71 2.22 20.51
C ALA A 58 -2.83 1.95 19.01
N SER A 59 -4.00 1.51 18.58
CA SER A 59 -4.22 1.19 17.18
C SER A 59 -5.52 1.84 16.71
N TYR A 60 -5.44 2.57 15.61
CA TYR A 60 -6.60 3.27 15.05
C TYR A 60 -6.79 2.86 13.60
N LEU A 61 -8.03 2.50 13.26
CA LEU A 61 -8.36 2.02 11.92
C LEU A 61 -9.10 3.10 11.16
N LEU A 62 -8.61 3.46 9.98
CA LEU A 62 -9.31 4.33 9.03
C LEU A 62 -9.79 3.49 7.86
N THR A 63 -10.96 3.83 7.31
CA THR A 63 -11.49 3.12 6.16
C THR A 63 -12.00 4.09 5.10
N SER A 64 -11.87 3.68 3.84
CA SER A 64 -12.55 4.35 2.74
C SER A 64 -12.94 3.25 1.78
N GLY A 65 -14.24 3.00 1.63
CA GLY A 65 -14.64 1.83 0.86
C GLY A 65 -14.07 0.57 1.49
N ASP A 66 -13.36 -0.23 0.69
CA ASP A 66 -12.73 -1.43 1.18
C ASP A 66 -11.29 -1.20 1.63
N LEU A 67 -10.78 0.02 1.52
CA LEU A 67 -9.42 0.31 1.95
C LEU A 67 -9.38 0.48 3.46
N ARG A 68 -8.44 -0.23 4.09
CA ARG A 68 -8.28 -0.20 5.54
C ARG A 68 -6.82 0.14 5.85
N PHE A 69 -6.62 1.28 6.53
CA PHE A 69 -5.30 1.67 7.02
C PHE A 69 -5.33 1.61 8.54
N LEU A 70 -4.37 0.89 9.13
CA LEU A 70 -4.25 0.76 10.57
C LEU A 70 -2.99 1.48 11.01
N PHE A 71 -3.10 2.28 12.07
CA PHE A 71 -1.97 3.03 12.61
C PHE A 71 -1.76 2.59 14.05
N THR A 72 -0.56 2.10 14.35
CA THR A 72 -0.26 1.52 15.65
C THR A 72 1.02 2.10 16.22
N ALA A 73 1.00 2.39 17.52
CA ALA A 73 2.15 2.86 18.27
C ALA A 73 2.17 2.20 19.63
N PRO A 74 3.34 2.03 20.22
CA PRO A 74 3.42 1.41 21.56
C PRO A 74 3.22 2.42 22.67
N TYR A 75 2.58 1.96 23.75
CA TYR A 75 2.57 2.69 25.01
C TYR A 75 3.87 2.40 25.77
N SER A 76 4.04 3.07 26.91
CA SER A 76 5.13 2.71 27.81
C SER A 76 5.03 1.24 28.19
N PRO A 77 6.11 0.46 28.08
CA PRO A 77 6.07 -0.95 28.53
C PRO A 77 5.67 -1.09 29.98
N SER A 78 5.89 -0.06 30.80
CA SER A 78 5.54 -0.16 32.21
C SER A 78 4.06 -0.45 32.42
N LEU A 79 3.18 0.00 31.51
CA LEU A 79 1.75 -0.20 31.71
C LEU A 79 1.36 -1.67 31.63
N SER A 80 2.19 -2.48 30.97
CA SER A 80 1.87 -3.89 30.75
C SER A 80 2.97 -4.80 31.29
N ALA A 81 3.82 -4.27 32.19
CA ALA A 81 5.00 -5.01 32.63
C ALA A 81 4.63 -6.31 33.33
N GLY A 82 3.45 -6.38 33.94
CA GLY A 82 3.04 -7.61 34.61
C GLY A 82 2.41 -8.64 33.70
N GLU A 83 2.15 -8.29 32.45
CA GLU A 83 1.52 -9.22 31.52
C GLU A 83 2.55 -10.20 30.96
N ILE A 84 2.04 -11.35 30.55
CA ILE A 84 2.77 -12.30 29.70
C ILE A 84 1.89 -12.55 28.49
N LYS A 85 2.44 -13.20 27.47
CA LYS A 85 1.65 -13.45 26.26
C LYS A 85 0.30 -14.10 26.57
N PRO A 86 0.21 -15.13 27.41
CA PRO A 86 -1.11 -15.70 27.75
C PRO A 86 -2.08 -14.73 28.39
N THR A 87 -1.61 -13.64 29.02
CA THR A 87 -2.48 -12.69 29.71
C THR A 87 -2.47 -11.32 29.05
N THR A 88 -2.03 -11.23 27.79
CA THR A 88 -1.84 -9.92 27.16
C THR A 88 -3.17 -9.19 26.96
N THR A 89 -3.10 -7.86 27.05
CA THR A 89 -4.23 -7.00 26.67
C THR A 89 -4.09 -6.44 25.26
N ALA A 90 -3.01 -6.78 24.56
CA ALA A 90 -2.87 -6.40 23.15
C ALA A 90 -3.95 -7.07 22.31
N SER A 91 -4.50 -6.33 21.37
CA SER A 91 -5.46 -6.89 20.41
C SER A 91 -4.79 -7.48 19.19
N ILE A 92 -3.54 -7.08 18.92
CA ILE A 92 -2.77 -7.68 17.84
C ILE A 92 -1.64 -8.46 18.47
N PRO A 93 -1.76 -9.79 18.59
CA PRO A 93 -0.82 -10.55 19.43
C PRO A 93 0.60 -10.58 18.89
N SER A 94 0.81 -10.27 17.61
CA SER A 94 2.14 -10.17 17.05
C SER A 94 2.87 -8.90 17.48
N PHE A 95 2.17 -7.94 18.06
CA PHE A 95 2.84 -6.70 18.42
C PHE A 95 3.89 -6.93 19.51
N ASP A 96 5.01 -6.23 19.39
CA ASP A 96 6.06 -6.25 20.40
C ASP A 96 6.62 -4.83 20.53
N HIS A 97 6.73 -4.34 21.77
CA HIS A 97 7.24 -2.98 22.00
C HIS A 97 8.61 -2.78 21.37
N GLY A 98 9.55 -3.69 21.66
CA GLY A 98 10.91 -3.52 21.15
C GLY A 98 10.97 -3.57 19.64
N SER A 99 10.25 -4.49 19.01
CA SER A 99 10.21 -4.57 17.56
C SER A 99 9.67 -3.28 16.96
N CYS A 100 8.60 -2.75 17.52
CA CYS A 100 8.01 -1.53 16.98
C CYS A 100 8.94 -0.34 17.15
N ARG A 101 9.53 -0.18 18.34
CA ARG A 101 10.46 0.94 18.52
C ARG A 101 11.67 0.79 17.61
N SER A 102 12.19 -0.42 17.46
CA SER A 102 13.34 -0.64 16.59
C SER A 102 13.00 -0.35 15.14
N PHE A 103 11.85 -0.84 14.68
CA PHE A 103 11.39 -0.57 13.32
C PHE A 103 11.32 0.93 13.08
N PHE A 104 10.70 1.65 14.00
CA PHE A 104 10.50 3.07 13.78
C PHE A 104 11.82 3.84 13.84
N SER A 105 12.69 3.47 14.78
CA SER A 105 13.99 4.12 14.84
C SER A 105 14.79 3.89 13.57
N SER A 106 14.71 2.68 13.02
CA SER A 106 15.50 2.34 11.85
C SER A 106 14.92 2.98 10.59
N HIS A 107 13.61 2.86 10.38
CA HIS A 107 13.01 3.17 9.10
C HIS A 107 12.18 4.45 9.09
N GLY A 108 11.84 5.00 10.25
CA GLY A 108 10.86 6.05 10.33
C GLY A 108 9.45 5.53 10.05
N LEU A 109 8.51 6.47 9.88
CA LEU A 109 7.12 6.11 9.63
C LEU A 109 7.00 5.28 8.36
N GLY A 110 6.33 4.14 8.45
CA GLY A 110 6.24 3.30 7.28
C GLY A 110 5.37 2.09 7.55
N VAL A 111 5.25 1.27 6.52
CA VAL A 111 4.38 0.11 6.54
C VAL A 111 5.12 -1.06 7.19
N ARG A 112 4.55 -1.59 8.26
CA ARG A 112 5.02 -2.83 8.87
C ARG A 112 4.36 -4.06 8.27
N ALA A 113 3.05 -4.01 7.99
CA ALA A 113 2.33 -5.21 7.55
C ALA A 113 1.49 -4.92 6.32
N VAL A 114 1.64 -5.79 5.31
CA VAL A 114 0.72 -5.89 4.18
C VAL A 114 -0.14 -7.09 4.46
N ALA A 115 -1.43 -6.88 4.74
CA ALA A 115 -2.29 -7.96 5.18
C ALA A 115 -3.23 -8.36 4.05
N ILE A 116 -3.32 -9.66 3.81
CA ILE A 116 -4.23 -10.23 2.83
C ILE A 116 -5.17 -11.18 3.54
N GLU A 117 -6.43 -11.19 3.10
CA GLU A 117 -7.39 -12.15 3.63
C GLU A 117 -7.22 -13.45 2.87
N VAL A 118 -7.21 -14.55 3.61
CA VAL A 118 -7.04 -15.89 3.06
C VAL A 118 -8.15 -16.76 3.62
N GLU A 119 -8.28 -17.96 3.05
CA GLU A 119 -9.31 -18.87 3.53
C GLU A 119 -9.01 -19.37 4.92
N ASP A 120 -7.74 -19.63 5.21
CA ASP A 120 -7.32 -20.23 6.47
C ASP A 120 -5.91 -19.77 6.75
N ALA A 121 -5.77 -18.86 7.73
CA ALA A 121 -4.47 -18.26 7.99
C ALA A 121 -3.48 -19.26 8.57
N GLU A 122 -3.98 -20.25 9.34
CA GLU A 122 -3.08 -21.28 9.86
C GLU A 122 -2.52 -22.14 8.73
N SER A 123 -3.36 -22.52 7.78
CA SER A 123 -2.86 -23.28 6.64
C SER A 123 -1.94 -22.44 5.77
N ALA A 124 -2.32 -21.18 5.50
CA ALA A 124 -1.45 -20.31 4.70
C ALA A 124 -0.08 -20.17 5.34
N PHE A 125 -0.03 -19.97 6.65
CA PHE A 125 1.24 -19.88 7.35
C PHE A 125 2.04 -21.17 7.21
N SER A 126 1.39 -22.32 7.44
CA SER A 126 2.10 -23.59 7.38
C SER A 126 2.64 -23.87 6.00
N ILE A 127 1.81 -23.68 4.97
CA ILE A 127 2.26 -23.88 3.59
C ILE A 127 3.38 -22.91 3.24
N SER A 128 3.24 -21.64 3.63
CA SER A 128 4.29 -20.67 3.33
C SER A 128 5.61 -21.08 3.94
N VAL A 129 5.61 -21.43 5.22
CA VAL A 129 6.85 -21.78 5.90
C VAL A 129 7.44 -23.06 5.31
N ALA A 130 6.59 -24.04 5.02
CA ALA A 130 7.06 -25.25 4.35
C ALA A 130 7.66 -24.96 2.98
N ASN A 131 7.32 -23.82 2.37
CA ASN A 131 7.85 -23.45 1.08
C ASN A 131 8.83 -22.28 1.16
N GLY A 132 9.47 -22.08 2.31
CA GLY A 132 10.60 -21.20 2.43
C GLY A 132 10.35 -19.87 3.11
N ALA A 133 9.10 -19.53 3.43
CA ALA A 133 8.84 -18.27 4.12
C ALA A 133 9.51 -18.25 5.49
N ILE A 134 10.06 -17.10 5.85
CA ILE A 134 10.64 -16.91 7.17
C ILE A 134 9.52 -16.55 8.13
N PRO A 135 9.25 -17.36 9.15
CA PRO A 135 8.14 -17.06 10.06
C PRO A 135 8.40 -15.78 10.83
N SER A 136 7.33 -15.02 11.06
CA SER A 136 7.45 -13.82 11.88
C SER A 136 6.56 -13.87 13.11
N SER A 137 5.33 -14.33 12.96
CA SER A 137 4.44 -14.52 14.07
C SER A 137 3.56 -15.72 13.75
N PRO A 138 3.48 -16.70 14.65
CA PRO A 138 2.74 -17.91 14.36
C PRO A 138 1.25 -17.64 14.38
N PRO A 139 0.44 -18.54 13.81
CA PRO A 139 -1.01 -18.33 13.79
C PRO A 139 -1.55 -18.24 15.21
N ILE A 140 -2.38 -17.23 15.44
CA ILE A 140 -3.05 -17.05 16.72
C ILE A 140 -4.53 -16.86 16.43
N VAL A 141 -5.37 -17.60 17.14
CA VAL A 141 -6.81 -17.50 17.00
C VAL A 141 -7.32 -16.49 18.02
N LEU A 142 -8.04 -15.49 17.54
CA LEU A 142 -8.57 -14.43 18.38
C LEU A 142 -10.06 -14.65 18.58
N ASN A 143 -10.47 -14.86 19.84
CA ASN A 143 -11.88 -14.99 20.22
C ASN A 143 -12.60 -16.06 19.39
N GLU A 144 -11.88 -17.12 19.06
CA GLU A 144 -12.43 -18.23 18.27
C GLU A 144 -13.02 -17.77 16.94
N ALA A 145 -12.62 -16.59 16.46
CA ALA A 145 -13.33 -15.99 15.34
C ALA A 145 -12.41 -15.58 14.20
N VAL A 146 -11.19 -15.13 14.50
CA VAL A 146 -10.27 -14.64 13.48
C VAL A 146 -8.91 -15.25 13.76
N THR A 147 -8.22 -15.67 12.70
CA THR A 147 -6.85 -16.17 12.83
C THR A 147 -5.91 -15.25 12.09
N ILE A 148 -4.78 -14.93 12.72
CA ILE A 148 -3.79 -14.02 12.16
C ILE A 148 -2.42 -14.69 12.25
N ALA A 149 -1.62 -14.55 11.19
CA ALA A 149 -0.28 -15.10 11.14
C ALA A 149 0.55 -14.20 10.25
N GLU A 150 1.87 -14.20 10.47
CA GLU A 150 2.76 -13.30 9.74
C GLU A 150 4.04 -14.00 9.30
N VAL A 151 4.47 -13.72 8.07
CA VAL A 151 5.77 -14.15 7.56
C VAL A 151 6.52 -12.94 7.03
N LYS A 152 7.84 -13.06 6.94
CA LYS A 152 8.63 -11.95 6.41
C LYS A 152 8.41 -11.80 4.92
N LEU A 153 8.23 -10.55 4.47
CA LEU A 153 8.04 -10.24 3.05
C LEU A 153 9.34 -9.71 2.44
N TYR A 154 9.80 -8.55 2.91
CA TYR A 154 11.11 -7.99 2.56
C TYR A 154 11.45 -6.97 3.63
N GLY A 155 12.75 -6.78 3.88
CA GLY A 155 13.16 -5.87 4.93
C GLY A 155 12.51 -6.24 6.24
N ASP A 156 11.93 -5.25 6.91
CA ASP A 156 11.16 -5.49 8.13
C ASP A 156 9.65 -5.42 7.88
N VAL A 157 9.24 -5.60 6.63
CA VAL A 157 7.82 -5.67 6.28
C VAL A 157 7.37 -7.12 6.34
N VAL A 158 6.21 -7.35 6.93
CA VAL A 158 5.62 -8.69 6.99
C VAL A 158 4.42 -8.78 6.06
N LEU A 159 4.20 -9.99 5.53
CA LEU A 159 2.93 -10.34 4.91
C LEU A 159 2.08 -10.99 5.98
N ARG A 160 0.94 -10.39 6.28
CA ARG A 160 0.06 -10.85 7.33
C ARG A 160 -1.11 -11.57 6.70
N TYR A 161 -1.38 -12.79 7.16
CA TYR A 161 -2.54 -13.55 6.72
C TYR A 161 -3.64 -13.39 7.76
N VAL A 162 -4.85 -13.08 7.30
CA VAL A 162 -6.00 -12.99 8.19
C VAL A 162 -7.10 -13.86 7.60
N SER A 163 -7.73 -14.68 8.44
CA SER A 163 -8.88 -15.47 8.01
C SER A 163 -10.01 -15.37 9.03
N TYR A 164 -11.24 -15.36 8.53
CA TYR A 164 -12.41 -15.14 9.36
C TYR A 164 -13.31 -16.37 9.31
N LYS A 165 -13.78 -16.79 10.48
CA LYS A 165 -14.73 -17.90 10.52
C LYS A 165 -16.06 -17.51 9.90
N ALA A 166 -16.52 -16.29 10.16
CA ALA A 166 -17.77 -15.80 9.60
C ALA A 166 -17.54 -15.14 8.24
N GLU A 173 -15.68 -5.04 14.06
CA GLU A 173 -15.65 -6.30 13.33
C GLU A 173 -14.31 -6.47 12.60
N PHE A 174 -13.42 -5.49 12.73
CA PHE A 174 -12.09 -5.58 12.14
C PHE A 174 -11.36 -6.78 12.73
N LEU A 175 -11.04 -6.69 14.02
CA LEU A 175 -10.45 -7.76 14.78
C LEU A 175 -11.12 -7.77 16.14
N PRO A 176 -11.16 -8.92 16.82
CA PRO A 176 -11.66 -8.93 18.19
C PRO A 176 -10.82 -8.01 19.06
N GLY A 177 -11.48 -7.35 20.00
CA GLY A 177 -10.82 -6.38 20.84
C GLY A 177 -10.84 -4.97 20.31
N PHE A 178 -11.14 -4.78 19.01
CA PHE A 178 -11.34 -3.44 18.47
C PHE A 178 -12.78 -3.05 18.68
N GLU A 179 -13.00 -1.78 19.00
CA GLU A 179 -14.33 -1.24 19.18
C GLU A 179 -14.62 -0.27 18.05
N ARG A 180 -15.86 -0.31 17.56
CA ARG A 180 -16.29 0.64 16.54
C ARG A 180 -16.32 2.05 17.13
N VAL A 181 -15.96 3.04 16.32
CA VAL A 181 -15.76 4.39 16.83
C VAL A 181 -17.09 5.13 16.91
N GLU A 182 -17.29 5.86 18.02
CA GLU A 182 -18.51 6.61 18.23
C GLU A 182 -18.77 7.57 17.08
N ASP A 183 -20.06 7.72 16.72
CA ASP A 183 -20.43 8.53 15.57
C ASP A 183 -19.92 9.96 15.70
N ALA A 184 -19.87 10.50 16.91
CA ALA A 184 -19.42 11.87 17.09
C ALA A 184 -17.96 12.05 16.67
N SER A 185 -17.15 11.01 16.84
CA SER A 185 -15.75 11.04 16.45
C SER A 185 -15.52 10.51 15.04
N SER A 186 -16.54 9.97 14.39
CA SER A 186 -16.40 9.37 13.05
C SER A 186 -17.14 10.25 12.05
N PHE A 187 -16.48 11.29 11.59
CA PHE A 187 -17.02 12.14 10.53
C PHE A 187 -16.95 11.40 9.20
N PRO A 188 -18.01 11.42 8.39
CA PRO A 188 -18.06 10.57 7.18
C PRO A 188 -17.34 11.17 5.98
N LEU A 189 -16.04 11.42 6.13
CA LEU A 189 -15.23 11.87 5.00
C LEU A 189 -15.17 10.78 3.92
N ASP A 190 -15.11 11.23 2.68
CA ASP A 190 -14.97 10.33 1.54
C ASP A 190 -14.59 11.14 0.31
N TYR A 191 -13.38 10.94 -0.20
CA TYR A 191 -12.95 11.58 -1.44
C TYR A 191 -12.94 10.64 -2.62
N GLY A 192 -13.47 9.44 -2.47
CA GLY A 192 -13.64 8.51 -3.57
C GLY A 192 -12.70 7.31 -3.56
N ILE A 193 -11.77 7.22 -2.60
CA ILE A 193 -10.87 6.08 -2.59
C ILE A 193 -11.62 4.84 -2.15
N ARG A 194 -11.36 3.71 -2.82
CA ARG A 194 -12.18 2.52 -2.62
C ARG A 194 -11.43 1.24 -2.25
N ARG A 195 -10.18 1.07 -2.68
CA ARG A 195 -9.47 -0.15 -2.32
C ARG A 195 -7.99 0.02 -2.61
N LEU A 196 -7.18 -0.90 -2.05
CA LEU A 196 -5.77 -0.97 -2.37
C LEU A 196 -5.60 -1.74 -3.68
N ASP A 197 -4.93 -1.12 -4.65
CA ASP A 197 -4.70 -1.77 -5.93
C ASP A 197 -3.40 -2.56 -5.94
N HIS A 198 -2.32 -1.97 -5.45
CA HIS A 198 -1.05 -2.68 -5.39
C HIS A 198 -0.18 -2.05 -4.31
N ALA A 199 0.79 -2.83 -3.84
CA ALA A 199 1.71 -2.40 -2.80
C ALA A 199 3.11 -2.79 -3.25
N VAL A 200 4.01 -1.82 -3.29
CA VAL A 200 5.28 -1.93 -4.00
C VAL A 200 6.43 -1.89 -3.01
N GLY A 201 7.36 -2.84 -3.12
CA GLY A 201 8.53 -2.90 -2.28
C GLY A 201 9.78 -2.49 -3.03
N ASN A 202 10.73 -1.90 -2.32
CA ASN A 202 12.07 -1.63 -2.84
C ASN A 202 13.04 -2.55 -2.13
N VAL A 203 13.89 -3.22 -2.91
CA VAL A 203 14.88 -4.15 -2.36
C VAL A 203 16.22 -3.87 -3.02
N PRO A 204 17.32 -4.31 -2.40
CA PRO A 204 18.62 -4.17 -3.06
C PRO A 204 18.78 -5.10 -4.26
N GLU A 205 18.19 -6.29 -4.23
CA GLU A 205 18.36 -7.29 -5.28
C GLU A 205 17.02 -7.91 -5.65
N LEU A 206 16.58 -7.67 -6.88
CA LEU A 206 15.24 -8.09 -7.31
C LEU A 206 15.14 -9.61 -7.40
N GLY A 207 16.11 -10.26 -8.03
CA GLY A 207 16.04 -11.69 -8.26
C GLY A 207 15.79 -12.52 -7.01
N PRO A 208 16.66 -12.37 -6.00
CA PRO A 208 16.44 -13.11 -4.75
C PRO A 208 15.13 -12.78 -4.07
N ALA A 209 14.68 -11.52 -4.13
CA ALA A 209 13.40 -11.18 -3.52
C ALA A 209 12.24 -11.87 -4.23
N LEU A 210 12.25 -11.85 -5.57
CA LEU A 210 11.19 -12.50 -6.34
C LEU A 210 11.16 -13.99 -6.06
N THR A 211 12.34 -14.63 -6.10
CA THR A 211 12.42 -16.07 -5.86
C THR A 211 11.86 -16.42 -4.50
N TYR A 212 12.19 -15.63 -3.48
CA TYR A 212 11.70 -15.90 -2.13
C TYR A 212 10.18 -15.80 -2.05
N VAL A 213 9.61 -14.66 -2.49
CA VAL A 213 8.18 -14.45 -2.32
C VAL A 213 7.37 -15.39 -3.21
N ALA A 214 7.73 -15.48 -4.48
CA ALA A 214 7.01 -16.41 -5.36
C ALA A 214 7.19 -17.84 -4.89
N GLY A 215 8.35 -18.16 -4.31
CA GLY A 215 8.59 -19.50 -3.79
C GLY A 215 7.59 -19.91 -2.73
N PHE A 216 7.27 -19.00 -1.79
CA PHE A 216 6.39 -19.41 -0.70
C PHE A 216 4.91 -19.15 -0.95
N THR A 217 4.57 -18.24 -1.87
CA THR A 217 3.17 -17.95 -2.16
C THR A 217 2.64 -18.73 -3.35
N GLY A 218 3.50 -19.07 -4.30
CA GLY A 218 2.99 -19.50 -5.59
C GLY A 218 2.45 -18.38 -6.45
N PHE A 219 2.62 -17.13 -6.05
CA PHE A 219 2.22 -16.02 -6.90
C PHE A 219 3.03 -16.05 -8.19
N HIS A 220 2.39 -15.68 -9.30
CA HIS A 220 3.02 -15.71 -10.61
C HIS A 220 3.45 -14.32 -11.05
N GLN A 221 4.33 -14.29 -12.04
CA GLN A 221 4.75 -13.04 -12.63
C GLN A 221 3.64 -12.47 -13.49
N PHE A 222 3.34 -11.19 -13.28
CA PHE A 222 2.30 -10.48 -14.01
C PHE A 222 2.95 -9.73 -15.16
N ALA A 223 2.51 -10.01 -16.38
CA ALA A 223 3.12 -9.44 -17.59
C ALA A 223 2.96 -7.93 -17.61
N GLU A 224 4.02 -7.25 -18.07
CA GLU A 224 4.01 -5.80 -18.22
C GLU A 224 4.09 -5.43 -19.69
N PHE A 225 3.44 -4.32 -20.04
CA PHE A 225 3.40 -3.82 -21.42
C PHE A 225 2.88 -4.88 -22.39
N GLU A 234 17.42 4.28 -19.60
CA GLU A 234 17.75 4.07 -18.19
C GLU A 234 16.94 5.00 -17.29
N SER A 235 16.10 4.38 -16.46
CA SER A 235 15.25 5.10 -15.52
C SER A 235 15.61 4.84 -14.06
N GLY A 236 16.63 4.03 -13.81
CA GLY A 236 17.16 3.83 -12.48
C GLY A 236 16.66 2.62 -11.73
N LEU A 237 15.87 1.74 -12.37
CA LEU A 237 15.35 0.58 -11.66
C LEU A 237 15.06 -0.56 -12.62
N ASN A 238 15.00 -1.77 -12.04
CA ASN A 238 14.36 -2.92 -12.64
C ASN A 238 13.23 -3.34 -11.72
N SER A 239 12.15 -3.87 -12.31
CA SER A 239 10.97 -4.23 -11.55
C SER A 239 10.33 -5.48 -12.10
N ALA A 240 9.50 -6.08 -11.26
CA ALA A 240 8.64 -7.19 -11.66
C ALA A 240 7.46 -7.23 -10.70
N VAL A 241 6.38 -7.86 -11.13
CA VAL A 241 5.13 -7.86 -10.37
C VAL A 241 4.71 -9.29 -10.10
N LEU A 242 4.45 -9.61 -8.84
CA LEU A 242 3.88 -10.89 -8.45
C LEU A 242 2.38 -10.73 -8.22
N ALA A 243 1.60 -11.74 -8.62
CA ALA A 243 0.15 -11.65 -8.58
C ALA A 243 -0.46 -12.96 -8.12
N SER A 244 -1.58 -12.85 -7.40
CA SER A 244 -2.38 -14.00 -7.00
C SER A 244 -3.12 -14.57 -8.21
N ASN A 245 -3.88 -15.65 -7.97
CA ASN A 245 -4.52 -16.39 -9.05
C ASN A 245 -5.44 -15.51 -9.89
N ASP A 246 -6.30 -14.73 -9.23
CA ASP A 246 -7.21 -13.84 -9.94
C ASP A 246 -6.60 -12.45 -10.19
N GLU A 247 -5.32 -12.28 -9.84
CA GLU A 247 -4.55 -11.07 -10.12
C GLU A 247 -5.13 -9.84 -9.43
N MET A 248 -5.80 -10.06 -8.29
CA MET A 248 -6.29 -8.96 -7.47
C MET A 248 -5.35 -8.60 -6.33
N VAL A 249 -4.47 -9.50 -5.92
CA VAL A 249 -3.37 -9.16 -5.02
C VAL A 249 -2.14 -8.99 -5.90
N LEU A 250 -1.59 -7.78 -5.90
CA LEU A 250 -0.51 -7.38 -6.80
C LEU A 250 0.62 -6.80 -5.97
N LEU A 251 1.80 -7.40 -6.09
CA LEU A 251 2.96 -7.02 -5.28
C LEU A 251 4.16 -6.77 -6.19
N PRO A 252 4.28 -5.57 -6.74
CA PRO A 252 5.49 -5.21 -7.48
C PRO A 252 6.69 -5.05 -6.55
N ILE A 253 7.87 -5.31 -7.10
CA ILE A 253 9.13 -5.15 -6.38
C ILE A 253 10.13 -4.47 -7.32
N ASN A 254 10.87 -3.48 -6.79
CA ASN A 254 11.86 -2.72 -7.54
C ASN A 254 13.24 -2.96 -6.95
N GLU A 255 14.25 -2.96 -7.81
CA GLU A 255 15.65 -2.90 -7.40
C GLU A 255 16.32 -1.71 -8.09
N PRO A 256 17.39 -1.15 -7.52
CA PRO A 256 18.06 -0.03 -8.16
C PRO A 256 18.89 -0.48 -9.36
N VAL A 257 19.13 0.48 -10.26
CA VAL A 257 20.11 0.34 -11.34
C VAL A 257 21.17 1.39 -11.13
N HIS A 258 22.40 0.96 -10.90
CA HIS A 258 23.51 1.83 -10.53
C HIS A 258 24.26 2.31 -11.77
N GLY A 259 24.98 3.43 -11.61
CA GLY A 259 25.80 3.99 -12.66
C GLY A 259 25.13 5.03 -13.52
N THR A 260 23.81 5.21 -13.40
CA THR A 260 23.09 6.16 -14.24
C THR A 260 23.51 7.59 -13.91
N LYS A 261 23.24 8.49 -14.85
CA LYS A 261 23.51 9.91 -14.67
C LYS A 261 22.81 10.42 -13.41
N ARG A 262 21.48 10.46 -13.44
CA ARG A 262 20.71 10.76 -12.25
C ARG A 262 20.74 9.56 -11.31
N LYS A 263 20.95 9.83 -10.03
CA LYS A 263 21.04 8.75 -9.05
C LYS A 263 19.69 8.06 -8.90
N SER A 264 19.74 6.73 -8.81
CA SER A 264 18.51 5.94 -8.72
C SER A 264 17.70 6.32 -7.49
N GLN A 265 16.43 6.63 -7.72
CA GLN A 265 15.52 6.90 -6.62
C GLN A 265 15.29 5.66 -5.75
N ILE A 266 15.48 4.46 -6.31
CA ILE A 266 15.40 3.26 -5.48
C ILE A 266 16.55 3.22 -4.49
N GLN A 267 17.76 3.60 -4.95
CA GLN A 267 18.92 3.64 -4.07
C GLN A 267 18.76 4.70 -3.00
N THR A 268 18.26 5.88 -3.37
CA THR A 268 17.97 6.91 -2.36
C THR A 268 17.01 6.36 -1.31
N TYR A 269 15.96 5.66 -1.74
CA TYR A 269 15.03 5.05 -0.79
C TYR A 269 15.78 4.15 0.17
N LEU A 270 16.60 3.23 -0.36
CA LEU A 270 17.25 2.26 0.49
C LEU A 270 18.19 2.94 1.49
N GLU A 271 18.83 4.02 1.07
CA GLU A 271 19.71 4.76 1.97
C GLU A 271 18.91 5.42 3.09
N HIS A 272 17.83 6.11 2.75
CA HIS A 272 17.09 6.84 3.78
C HIS A 272 16.22 5.93 4.63
N ASN A 273 15.79 4.79 4.09
CA ASN A 273 14.97 3.85 4.84
C ASN A 273 15.78 2.90 5.70
N GLU A 274 17.11 2.91 5.58
CA GLU A 274 17.96 1.85 6.13
C GLU A 274 17.55 0.47 5.62
N GLY A 275 17.44 0.34 4.31
CA GLY A 275 17.26 -0.95 3.68
C GLY A 275 15.89 -1.10 3.04
N ALA A 276 15.60 -2.33 2.66
CA ALA A 276 14.39 -2.67 1.93
C ALA A 276 13.15 -2.30 2.74
N GLY A 277 12.09 -2.00 2.02
CA GLY A 277 10.82 -1.65 2.66
C GLY A 277 9.78 -1.34 1.62
N LEU A 278 8.60 -1.01 2.11
CA LEU A 278 7.50 -0.66 1.22
C LEU A 278 7.70 0.76 0.68
N GLN A 279 7.68 0.88 -0.65
CA GLN A 279 7.89 2.14 -1.35
C GLN A 279 6.58 2.90 -1.59
N HIS A 280 5.59 2.28 -2.20
CA HIS A 280 4.35 3.00 -2.43
C HIS A 280 3.13 2.11 -2.33
N LEU A 281 2.02 2.72 -1.94
CA LEU A 281 0.71 2.10 -1.92
C LEU A 281 -0.12 2.78 -2.97
N ALA A 282 -0.69 1.99 -3.88
CA ALA A 282 -1.53 2.54 -4.94
C ALA A 282 -2.99 2.32 -4.56
N LEU A 283 -3.72 3.42 -4.45
CA LEU A 283 -5.09 3.40 -3.95
C LEU A 283 -6.02 3.67 -5.12
N MET A 284 -6.94 2.75 -5.37
CA MET A 284 -7.91 2.91 -6.43
C MET A 284 -9.00 3.87 -6.01
N SER A 285 -9.33 4.80 -6.89
CA SER A 285 -10.46 5.70 -6.72
C SER A 285 -11.54 5.35 -7.74
N GLU A 286 -12.79 5.49 -7.31
CA GLU A 286 -13.91 5.36 -8.25
C GLU A 286 -14.16 6.63 -9.02
N ASP A 287 -13.47 7.71 -8.69
CA ASP A 287 -13.59 8.97 -9.41
C ASP A 287 -12.31 9.77 -9.16
N ILE A 288 -11.26 9.49 -9.93
CA ILE A 288 -9.95 10.09 -9.67
C ILE A 288 -10.00 11.61 -9.75
N PHE A 289 -10.89 12.16 -10.58
CA PHE A 289 -10.97 13.61 -10.67
C PHE A 289 -11.46 14.19 -9.35
N ARG A 290 -12.51 13.58 -8.76
CA ARG A 290 -13.00 14.06 -7.48
C ARG A 290 -11.94 13.86 -6.39
N THR A 291 -11.29 12.70 -6.38
CA THR A 291 -10.28 12.45 -5.34
C THR A 291 -9.18 13.50 -5.39
N LEU A 292 -8.69 13.83 -6.58
CA LEU A 292 -7.58 14.75 -6.69
C LEU A 292 -8.02 16.18 -6.39
N ARG A 293 -9.22 16.55 -6.82
CA ARG A 293 -9.75 17.85 -6.43
C ARG A 293 -9.77 17.98 -4.91
N GLU A 294 -10.30 16.95 -4.23
CA GLU A 294 -10.42 17.01 -2.77
C GLU A 294 -9.05 16.96 -2.09
N MET A 295 -8.14 16.13 -2.58
CA MET A 295 -6.85 16.04 -1.90
C MET A 295 -6.02 17.30 -2.14
N ARG A 296 -6.08 17.85 -3.35
CA ARG A 296 -5.28 19.04 -3.64
C ARG A 296 -5.78 20.27 -2.89
N LYS A 297 -7.09 20.37 -2.66
CA LYS A 297 -7.62 21.45 -1.83
C LYS A 297 -7.05 21.43 -0.43
N ARG A 298 -6.61 20.26 0.03
CA ARG A 298 -6.14 20.08 1.40
C ARG A 298 -4.63 20.00 1.54
N SER A 299 -3.86 20.05 0.44
CA SER A 299 -2.42 19.83 0.49
C SER A 299 -1.72 20.76 1.48
N SER A 300 -2.11 22.03 1.51
CA SER A 300 -1.43 23.01 2.34
C SER A 300 -2.14 23.30 3.64
N ILE A 301 -3.20 22.54 3.96
CA ILE A 301 -3.95 22.68 5.20
C ILE A 301 -4.02 21.33 5.92
N GLY A 302 -2.92 20.59 5.90
CA GLY A 302 -2.75 19.39 6.69
C GLY A 302 -2.72 18.10 5.90
N GLY A 303 -3.04 18.15 4.61
CA GLY A 303 -3.13 16.96 3.77
C GLY A 303 -1.81 16.58 3.13
N PHE A 304 -1.90 16.05 1.91
CA PHE A 304 -0.74 15.54 1.19
C PHE A 304 -0.43 16.40 -0.02
N ASP A 305 0.85 16.59 -0.29
CA ASP A 305 1.33 17.27 -1.48
C ASP A 305 1.51 16.27 -2.62
N PHE A 306 1.49 16.77 -3.85
CA PHE A 306 1.65 15.92 -5.01
C PHE A 306 2.94 16.26 -5.74
N MET A 307 3.45 15.27 -6.47
CA MET A 307 4.63 15.47 -7.30
C MET A 307 4.38 16.59 -8.31
N PRO A 308 5.45 17.25 -8.77
CA PRO A 308 5.27 18.31 -9.78
C PRO A 308 4.61 17.75 -11.04
N SER A 309 3.75 18.57 -11.63
CA SER A 309 2.96 18.13 -12.77
C SER A 309 3.83 18.05 -14.02
N PRO A 310 3.46 17.21 -14.99
CA PRO A 310 4.17 17.21 -16.27
C PRO A 310 3.88 18.49 -17.02
N PRO A 311 4.75 18.87 -17.96
CA PRO A 311 4.53 20.10 -18.72
C PRO A 311 3.34 19.97 -19.65
N PRO A 312 2.82 21.08 -20.18
CA PRO A 312 1.61 21.01 -21.04
C PRO A 312 1.81 20.18 -22.29
N THR A 313 3.05 20.01 -22.77
CA THR A 313 3.29 19.16 -23.93
C THR A 313 2.85 17.72 -23.66
N TYR A 314 2.98 17.27 -22.40
CA TYR A 314 2.54 15.92 -22.04
C TYR A 314 1.06 15.74 -22.32
N TYR A 315 0.25 16.71 -21.91
CA TYR A 315 -1.17 16.67 -22.18
C TYR A 315 -1.49 16.92 -23.64
N GLN A 316 -0.70 17.74 -24.32
CA GLN A 316 -0.78 17.82 -25.77
C GLN A 316 -0.63 16.44 -26.40
N ASN A 317 0.37 15.67 -25.95
CA ASN A 317 0.63 14.35 -26.53
C ASN A 317 -0.39 13.31 -26.10
N LEU A 318 -1.24 13.62 -25.10
CA LEU A 318 -2.24 12.65 -24.67
C LEU A 318 -3.28 12.40 -25.76
N LYS A 319 -3.56 13.40 -26.60
CA LYS A 319 -4.59 13.24 -27.62
C LYS A 319 -4.27 12.09 -28.56
N LYS A 320 -3.02 12.04 -29.04
CA LYS A 320 -2.63 10.96 -29.94
C LYS A 320 -2.57 9.62 -29.23
N ARG A 321 -2.35 9.62 -27.91
CA ARG A 321 -2.19 8.37 -27.18
C ARG A 321 -3.52 7.81 -26.68
N VAL A 322 -4.39 8.66 -26.13
CA VAL A 322 -5.59 8.17 -25.46
C VAL A 322 -6.82 8.95 -25.91
N GLY A 323 -6.74 9.61 -27.06
CA GLY A 323 -7.85 10.41 -27.56
C GLY A 323 -9.12 9.62 -27.84
N ASP A 324 -9.01 8.30 -27.95
CA ASP A 324 -10.17 7.44 -28.12
C ASP A 324 -10.79 7.01 -26.80
N VAL A 325 -10.15 7.32 -25.67
CA VAL A 325 -10.63 6.93 -24.35
C VAL A 325 -11.10 8.13 -23.55
N LEU A 326 -10.40 9.25 -23.68
CA LEU A 326 -10.70 10.47 -22.94
C LEU A 326 -11.05 11.57 -23.93
N SER A 327 -12.12 12.31 -23.65
CA SER A 327 -12.45 13.47 -24.44
C SER A 327 -11.45 14.59 -24.18
N ASP A 328 -11.55 15.66 -24.97
CA ASP A 328 -10.70 16.82 -24.77
C ASP A 328 -10.92 17.43 -23.40
N ASP A 329 -12.18 17.49 -22.95
CA ASP A 329 -12.45 18.05 -21.63
C ASP A 329 -11.93 17.15 -20.52
N GLN A 330 -12.02 15.83 -20.72
CA GLN A 330 -11.44 14.90 -19.76
C GLN A 330 -9.92 15.00 -19.74
N ILE A 331 -9.30 15.26 -20.89
CA ILE A 331 -7.86 15.48 -20.95
C ILE A 331 -7.51 16.80 -20.27
N LYS A 332 -8.34 17.82 -20.43
CA LYS A 332 -8.11 19.09 -19.76
C LYS A 332 -8.21 18.94 -18.25
N GLU A 333 -9.16 18.12 -17.77
CA GLU A 333 -9.27 17.89 -16.33
C GLU A 333 -8.07 17.12 -15.80
N CYS A 334 -7.55 16.17 -16.57
CA CYS A 334 -6.28 15.53 -16.21
C CYS A 334 -5.17 16.58 -16.08
N GLU A 335 -5.12 17.53 -17.02
CA GLU A 335 -4.08 18.55 -16.97
C GLU A 335 -4.23 19.47 -15.76
N GLU A 336 -5.47 19.85 -15.42
CA GLU A 336 -5.69 20.72 -14.27
C GLU A 336 -5.26 20.05 -12.97
N LEU A 337 -5.37 18.73 -12.90
CA LEU A 337 -5.09 17.99 -11.68
C LEU A 337 -3.71 17.34 -11.66
N GLY A 338 -2.96 17.43 -12.75
CA GLY A 338 -1.64 16.84 -12.82
C GLY A 338 -1.63 15.33 -12.97
N ILE A 339 -2.70 14.76 -13.49
CA ILE A 339 -2.85 13.31 -13.61
C ILE A 339 -2.10 12.81 -14.84
N LEU A 340 -1.42 11.67 -14.69
CA LEU A 340 -0.75 11.01 -15.80
C LEU A 340 -1.60 9.88 -16.33
N VAL A 341 -1.40 9.55 -17.61
CA VAL A 341 -2.20 8.54 -18.28
C VAL A 341 -1.27 7.58 -19.01
N ASP A 342 -1.49 6.29 -18.82
CA ASP A 342 -0.78 5.27 -19.57
C ASP A 342 -1.76 4.26 -20.12
N ARG A 343 -1.29 3.46 -21.06
CA ARG A 343 -2.15 2.52 -21.76
C ARG A 343 -1.29 1.38 -22.25
N ASP A 344 -1.78 0.15 -22.07
CA ASP A 344 -1.19 -1.03 -22.67
C ASP A 344 -2.14 -1.58 -23.72
N ASP A 345 -2.12 -2.90 -23.94
CA ASP A 345 -2.92 -3.54 -24.96
C ASP A 345 -4.30 -3.94 -24.47
N GLN A 346 -4.67 -3.61 -23.23
CA GLN A 346 -5.92 -4.11 -22.66
C GLN A 346 -6.73 -2.99 -22.01
N GLY A 347 -6.06 -1.98 -21.47
CA GLY A 347 -6.78 -0.94 -20.75
C GLY A 347 -5.96 0.32 -20.63
N THR A 348 -6.54 1.29 -19.92
CA THR A 348 -5.95 2.60 -19.70
C THR A 348 -5.86 2.87 -18.20
N LEU A 349 -4.79 3.55 -17.80
CA LEU A 349 -4.50 3.82 -16.40
C LEU A 349 -4.38 5.33 -16.21
N LEU A 350 -5.10 5.87 -15.23
CA LEU A 350 -4.91 7.24 -14.77
C LEU A 350 -4.21 7.18 -13.41
N GLN A 351 -3.16 7.97 -13.22
CA GLN A 351 -2.37 7.83 -11.99
C GLN A 351 -1.70 9.14 -11.61
N ILE A 352 -1.40 9.27 -10.31
CA ILE A 352 -0.62 10.39 -9.82
C ILE A 352 0.05 9.95 -8.52
N PHE A 353 1.20 10.57 -8.21
CA PHE A 353 2.00 10.26 -7.03
C PHE A 353 1.98 11.42 -6.06
N THR A 354 1.88 11.10 -4.76
CA THR A 354 2.11 12.12 -3.75
C THR A 354 3.60 12.29 -3.51
N LYS A 355 3.96 13.40 -2.87
CA LYS A 355 5.26 13.51 -2.22
C LYS A 355 5.31 12.55 -1.02
N PRO A 356 6.50 12.28 -0.50
CA PRO A 356 6.61 11.35 0.64
C PRO A 356 5.66 11.70 1.77
N LEU A 357 5.16 10.65 2.44
CA LEU A 357 4.12 10.81 3.43
C LEU A 357 4.66 11.35 4.74
N GLY A 358 5.96 11.21 4.99
CA GLY A 358 6.53 11.68 6.24
C GLY A 358 7.86 12.38 6.02
N ASP A 359 8.71 12.38 7.05
CA ASP A 359 9.93 13.17 7.02
C ASP A 359 10.93 12.65 5.99
N ARG A 360 11.00 11.33 5.81
CA ARG A 360 12.05 10.77 4.99
C ARG A 360 11.56 10.59 3.56
N PRO A 361 12.47 10.68 2.58
CA PRO A 361 12.06 10.49 1.16
C PRO A 361 11.95 9.01 0.83
N THR A 362 10.97 8.36 1.47
CA THR A 362 10.81 6.92 1.38
C THR A 362 9.42 6.58 0.85
N ILE A 363 8.44 6.36 1.73
CA ILE A 363 7.12 5.91 1.29
C ILE A 363 6.31 7.08 0.73
N PHE A 364 5.54 6.79 -0.31
CA PHE A 364 4.59 7.73 -0.89
C PHE A 364 3.35 6.96 -1.32
N ILE A 365 2.35 7.69 -1.80
CA ILE A 365 1.07 7.12 -2.22
C ILE A 365 0.86 7.41 -3.69
N GLU A 366 0.24 6.47 -4.37
CA GLU A 366 -0.25 6.63 -5.73
C GLU A 366 -1.76 6.57 -5.69
N ILE A 367 -2.43 7.50 -6.40
CA ILE A 367 -3.87 7.40 -6.65
C ILE A 367 -4.05 6.96 -8.10
N ILE A 368 -4.89 5.95 -8.31
CA ILE A 368 -5.08 5.39 -9.64
C ILE A 368 -6.56 5.13 -9.91
N GLN A 369 -6.90 5.08 -11.21
CA GLN A 369 -8.17 4.56 -11.67
C GLN A 369 -7.91 3.89 -13.00
N ARG A 370 -8.53 2.74 -13.21
CA ARG A 370 -8.29 1.93 -14.39
C ARG A 370 -9.54 1.89 -15.27
N VAL A 371 -9.34 1.91 -16.58
CA VAL A 371 -10.42 1.96 -17.56
C VAL A 371 -10.24 0.77 -18.49
N GLY A 372 -11.24 -0.09 -18.56
CA GLY A 372 -11.23 -1.19 -19.52
C GLY A 372 -11.25 -2.55 -18.87
N CYS A 373 -10.90 -3.58 -19.64
CA CYS A 373 -10.78 -4.95 -19.14
C CYS A 373 -12.03 -5.38 -18.37
N MET A 374 -13.20 -5.03 -18.92
CA MET A 374 -14.46 -5.40 -18.30
C MET A 374 -14.84 -6.82 -18.73
N MET A 375 -15.21 -7.64 -17.75
CA MET A 375 -15.55 -9.03 -18.03
C MET A 375 -16.90 -9.32 -17.40
N TYR A 383 -17.27 -7.23 -13.84
CA TYR A 383 -16.12 -6.87 -13.03
C TYR A 383 -14.96 -6.46 -13.91
N GLN A 384 -14.01 -5.73 -13.34
CA GLN A 384 -12.81 -5.33 -14.05
C GLN A 384 -11.67 -6.25 -13.63
N SER A 385 -10.90 -6.73 -14.61
CA SER A 385 -9.80 -7.63 -14.29
C SER A 385 -8.67 -6.85 -13.61
N GLY A 386 -7.94 -7.56 -12.75
CA GLY A 386 -6.90 -6.90 -11.97
C GLY A 386 -5.76 -6.42 -12.86
N GLY A 387 -5.19 -5.27 -12.49
CA GLY A 387 -4.05 -4.75 -13.21
C GLY A 387 -4.35 -4.19 -14.59
N CYS A 388 -5.62 -3.89 -14.87
CA CYS A 388 -6.01 -3.37 -16.18
C CYS A 388 -5.25 -2.08 -16.52
N GLY A 389 -4.45 -2.14 -17.59
CA GLY A 389 -3.70 -0.99 -18.05
C GLY A 389 -2.28 -0.94 -17.57
N GLY A 390 -1.87 -1.85 -16.69
CA GLY A 390 -0.50 -1.93 -16.25
C GLY A 390 -0.18 -1.09 -15.04
N PHE A 391 1.05 -0.58 -14.97
CA PHE A 391 1.50 0.17 -13.81
C PHE A 391 2.10 1.53 -14.15
N GLY A 392 2.08 1.92 -15.42
CA GLY A 392 2.61 3.20 -15.83
C GLY A 392 3.98 3.16 -16.44
N LYS A 393 4.47 1.98 -16.84
CA LYS A 393 5.80 1.86 -17.41
C LYS A 393 5.98 2.78 -18.61
N GLY A 394 4.93 2.96 -19.40
CA GLY A 394 5.01 3.84 -20.55
C GLY A 394 5.21 5.30 -20.22
N ASN A 395 4.94 5.69 -18.98
CA ASN A 395 5.08 7.08 -18.57
C ASN A 395 6.53 7.48 -18.29
N PHE A 396 7.47 6.54 -18.27
CA PHE A 396 8.88 6.91 -18.21
C PHE A 396 9.32 7.57 -19.50
N SER A 397 9.11 6.89 -20.63
CA SER A 397 9.48 7.46 -21.91
C SER A 397 8.66 8.71 -22.22
N GLU A 398 7.35 8.66 -21.95
CA GLU A 398 6.49 9.79 -22.26
C GLU A 398 6.87 11.03 -21.48
N LEU A 399 7.21 10.85 -20.19
CA LEU A 399 7.61 12.02 -19.39
C LEU A 399 8.93 12.59 -19.87
N PHE A 400 9.90 11.73 -20.19
CA PHE A 400 11.19 12.21 -20.68
C PHE A 400 11.02 12.96 -22.00
N LYS A 401 10.31 12.38 -22.96
CA LYS A 401 10.05 13.06 -24.22
C LYS A 401 9.31 14.37 -23.98
N SER A 402 8.37 14.37 -23.03
CA SER A 402 7.58 15.57 -22.75
C SER A 402 8.45 16.69 -22.20
N ILE A 403 9.40 16.35 -21.33
CA ILE A 403 10.31 17.36 -20.80
C ILE A 403 11.20 17.92 -21.92
N GLU A 404 11.67 17.04 -22.81
CA GLU A 404 12.50 17.50 -23.93
C GLU A 404 11.71 18.42 -24.86
N GLU A 405 10.48 18.04 -25.20
CA GLU A 405 9.67 18.85 -26.10
C GLU A 405 9.34 20.20 -25.47
N TYR A 406 9.05 20.22 -24.17
CA TYR A 406 8.72 21.48 -23.50
C TYR A 406 9.91 22.41 -23.46
N GLU A 407 11.12 21.87 -23.29
CA GLU A 407 12.32 22.70 -23.32
C GLU A 407 12.50 23.36 -24.68
N LYS A 408 12.26 22.61 -25.76
CA LYS A 408 12.38 23.14 -27.11
C LYS A 408 11.04 23.69 -27.59
CO CO B . 2.35 1.97 -8.91
C1 HZS C . 5.13 3.57 -12.00
C2 HZS C . 4.97 2.73 -10.74
C4 HZS C . 5.24 1.24 -11.04
C5 HZS C . 6.73 1.09 -11.34
C6 HZS C . 7.36 -0.24 -10.91
C7 HZS C . 6.43 -1.46 -10.82
C8 HZS C . 5.01 -1.15 -10.31
C9 HZS C . 4.87 0.31 -9.87
C13 HZS C . 4.68 5.83 -12.62
C14 HZS C . 4.04 7.07 -12.32
C15 HZS C . 4.48 8.21 -12.90
C16 HZS C . 5.58 8.18 -13.79
C17 HZS C . 6.21 6.98 -14.08
C18 HZS C . 5.76 5.79 -13.50
C19 HZS C . 2.93 7.10 -11.42
C20 HZS C . 2.30 8.31 -11.12
C21 HZS C . 2.75 9.49 -11.72
C22 HZS C . 3.84 9.45 -12.59
C23 HZS C . 6.30 -2.12 -12.20
O3 HZS C . 3.72 2.94 -10.16
O10 HZS C . 6.97 1.30 -12.71
O11 HZS C . 3.56 0.48 -9.40
O12 HZS C . 4.22 4.64 -12.01
C1 MPD D . 3.20 -9.42 27.30
C2 MPD D . 2.65 -8.43 26.28
O2 MPD D . 1.33 -8.14 26.64
CM MPD D . 3.45 -7.12 26.31
C3 MPD D . 2.73 -9.11 24.92
C4 MPD D . 2.10 -8.32 23.76
O4 MPD D . 3.10 -7.55 23.15
C5 MPD D . 1.51 -9.31 22.74
C1 MPD E . 8.80 3.78 -10.73
C2 MPD E . 8.82 4.54 -9.42
O2 MPD E . 9.86 4.06 -8.62
CM MPD E . 7.49 4.30 -8.72
C3 MPD E . 9.01 6.03 -9.71
C4 MPD E . 10.47 6.44 -9.57
O4 MPD E . 11.32 5.41 -9.99
C5 MPD E . 10.77 7.71 -10.38
#